data_8QFQ
#
_entry.id   8QFQ
#
_cell.length_a   44.419
_cell.length_b   59.076
_cell.length_c   134.629
_cell.angle_alpha   90.00
_cell.angle_beta   90.00
_cell.angle_gamma   90.00
#
_symmetry.space_group_name_H-M   'P 21 21 21'
#
loop_
_entity.id
_entity.type
_entity.pdbx_description
1 polymer 'Cysteine dioxygenase'
2 non-polymer 'MANGANESE (II) ION'
3 non-polymer 'TRIETHYLENE GLYCOL'
4 non-polymer 'ACETATE ION'
5 non-polymer 1,2-ETHANEDIOL
6 non-polymer 'MAGNESIUM ION'
7 water water
#
_entity_poly.entity_id   1
_entity_poly.type   'polypeptide(L)'
_entity_poly.pdbx_seq_one_letter_code
;MKHHVRGGEPCASPTRLLDNGELDLPERNLDRRELRDLVNELAAHPERWAEHVMFPEEGGRHYASLHRDAYVDVWLLCWR
AEDDTGWHDHDISSGAVRVVAGALKECNPRIGGEHLETVVSEGESFSFGPDHIHRLTGAVHGSVSIAAYSPPLWRLGQYS
IDDSGVMRRVSVSYADELRPVEVA
;
_entity_poly.pdbx_strand_id   A,B
#
loop_
_chem_comp.id
_chem_comp.type
_chem_comp.name
_chem_comp.formula
ACT non-polymer 'ACETATE ION' 'C2 H3 O2 -1'
EDO non-polymer 1,2-ETHANEDIOL 'C2 H6 O2'
MG non-polymer 'MAGNESIUM ION' 'Mg 2'
MN non-polymer 'MANGANESE (II) ION' 'Mn 2'
PGE non-polymer 'TRIETHYLENE GLYCOL' 'C6 H14 O4'
#
# COMPACT_ATOMS: atom_id res chain seq x y z
N GLU A 22 5.95 -24.14 -17.80
CA GLU A 22 5.58 -22.93 -17.05
C GLU A 22 6.86 -22.19 -16.63
N LEU A 23 7.03 -21.86 -15.35
CA LEU A 23 8.20 -21.12 -14.88
C LEU A 23 9.38 -22.04 -14.59
N ASP A 24 10.59 -21.51 -14.74
CA ASP A 24 11.82 -22.28 -14.58
C ASP A 24 12.37 -21.93 -13.20
N LEU A 25 11.87 -22.60 -12.16
CA LEU A 25 12.19 -22.30 -10.78
C LEU A 25 13.03 -23.40 -10.14
N PRO A 26 13.64 -23.14 -8.98
CA PRO A 26 14.46 -24.17 -8.34
C PRO A 26 13.61 -25.35 -7.91
N GLU A 27 14.28 -26.48 -7.80
CA GLU A 27 13.65 -27.74 -7.35
C GLU A 27 13.82 -27.92 -5.84
N ARG A 28 13.28 -26.98 -5.07
CA ARG A 28 13.33 -27.00 -3.61
C ARG A 28 12.32 -25.98 -3.08
N ASN A 29 11.98 -26.07 -1.79
CA ASN A 29 11.15 -25.04 -1.20
C ASN A 29 11.87 -23.70 -1.18
N LEU A 30 11.09 -22.62 -1.29
CA LEU A 30 11.57 -21.25 -1.18
C LEU A 30 11.14 -20.67 0.15
N ASP A 31 12.02 -19.88 0.78
CA ASP A 31 11.56 -19.24 2.01
C ASP A 31 10.82 -17.94 1.66
N ARG A 32 10.33 -17.26 2.71
CA ARG A 32 9.51 -16.07 2.55
C ARG A 32 10.17 -15.03 1.65
N ARG A 33 11.44 -14.73 1.92
CA ARG A 33 12.18 -13.70 1.20
C ARG A 33 12.34 -14.08 -0.28
N GLU A 34 12.66 -15.34 -0.53
CA GLU A 34 12.82 -15.81 -1.90
C GLU A 34 11.50 -15.75 -2.64
N LEU A 35 10.40 -16.02 -1.93
CA LEU A 35 9.09 -15.90 -2.53
C LEU A 35 8.78 -14.45 -2.87
N ARG A 36 9.20 -13.51 -2.02
CA ARG A 36 8.95 -12.11 -2.33
C ARG A 36 9.78 -11.67 -3.53
N ASP A 37 11.04 -12.09 -3.61
CA ASP A 37 11.86 -11.82 -4.80
C ASP A 37 11.17 -12.39 -6.03
N LEU A 38 10.64 -13.61 -5.91
CA LEU A 38 10.00 -14.24 -7.05
C LEU A 38 8.82 -13.42 -7.56
N VAL A 39 7.90 -13.00 -6.68
CA VAL A 39 6.72 -12.34 -7.22
C VAL A 39 7.12 -10.97 -7.76
N ASN A 40 8.16 -10.35 -7.19
CA ASN A 40 8.58 -9.05 -7.71
C ASN A 40 9.27 -9.19 -9.06
N GLU A 41 10.08 -10.23 -9.26
CA GLU A 41 10.71 -10.35 -10.57
C GLU A 41 9.67 -10.73 -11.63
N LEU A 42 8.69 -11.57 -11.26
CA LEU A 42 7.62 -11.89 -12.21
C LEU A 42 6.84 -10.65 -12.62
N ALA A 43 6.58 -9.72 -11.69
CA ALA A 43 5.86 -8.51 -12.10
C ALA A 43 6.62 -7.77 -13.20
N ALA A 44 7.96 -7.88 -13.21
CA ALA A 44 8.81 -7.22 -14.21
C ALA A 44 8.92 -8.01 -15.50
N HIS A 45 8.26 -9.17 -15.60
CA HIS A 45 8.33 -10.01 -16.79
C HIS A 45 6.90 -10.24 -17.21
N PRO A 46 6.25 -9.23 -17.80
CA PRO A 46 4.84 -9.39 -18.19
C PRO A 46 4.66 -10.45 -19.23
N GLU A 47 5.72 -10.84 -19.94
CA GLU A 47 5.60 -11.98 -20.84
C GLU A 47 5.15 -13.24 -20.09
N ARG A 48 5.38 -13.33 -18.77
CA ARG A 48 4.97 -14.58 -18.13
C ARG A 48 3.50 -14.59 -17.75
N TRP A 49 2.82 -13.45 -17.77
CA TRP A 49 1.48 -13.45 -17.22
C TRP A 49 0.45 -12.58 -17.95
N ALA A 50 0.86 -11.69 -18.84
CA ALA A 50 -0.11 -10.75 -19.41
C ALA A 50 -1.24 -11.48 -20.13
N GLU A 51 -0.94 -12.59 -20.79
CA GLU A 51 -1.95 -13.35 -21.52
C GLU A 51 -3.10 -13.76 -20.62
N HIS A 52 -2.80 -14.00 -19.34
CA HIS A 52 -3.73 -14.64 -18.40
C HIS A 52 -4.58 -13.64 -17.65
N VAL A 53 -4.45 -12.35 -17.95
CA VAL A 53 -5.23 -11.34 -17.25
C VAL A 53 -6.69 -11.39 -17.70
N MET A 54 -7.59 -11.66 -16.77
CA MET A 54 -9.01 -11.90 -17.06
C MET A 54 -9.90 -11.56 -15.88
N PHE A 55 -10.92 -10.74 -16.11
CA PHE A 55 -11.77 -10.34 -15.00
C PHE A 55 -13.14 -11.01 -15.09
N PRO A 56 -13.39 -12.11 -14.36
CA PRO A 56 -14.70 -12.78 -14.46
C PRO A 56 -15.82 -11.85 -14.06
N GLU A 57 -16.73 -11.58 -15.01
CA GLU A 57 -17.85 -10.71 -14.71
C GLU A 57 -18.73 -11.30 -13.62
N GLU A 58 -19.02 -12.59 -13.69
CA GLU A 58 -19.60 -13.28 -12.56
C GLU A 58 -18.91 -14.63 -12.41
N GLY A 59 -19.29 -15.36 -11.36
CA GLY A 59 -18.52 -16.47 -10.87
C GLY A 59 -17.63 -16.06 -9.71
N GLY A 60 -16.59 -16.86 -9.49
CA GLY A 60 -15.68 -16.65 -8.39
C GLY A 60 -14.47 -15.78 -8.77
N ARG A 61 -13.64 -15.50 -7.75
CA ARG A 61 -12.38 -14.80 -7.97
C ARG A 61 -11.59 -15.48 -9.07
N HIS A 62 -11.29 -14.73 -10.14
CA HIS A 62 -10.36 -15.25 -11.15
C HIS A 62 -9.04 -15.64 -10.50
N TYR A 63 -8.56 -16.84 -10.78
CA TYR A 63 -7.19 -17.14 -10.47
C TYR A 63 -6.59 -17.82 -11.69
N ALA A 64 -5.30 -17.62 -11.93
CA ALA A 64 -4.69 -18.33 -13.05
C ALA A 64 -3.38 -18.89 -12.54
N SER A 65 -3.17 -20.19 -12.74
CA SER A 65 -1.95 -20.81 -12.27
C SER A 65 -0.84 -20.47 -13.28
N LEU A 66 0.26 -19.93 -12.79
CA LEU A 66 1.40 -19.74 -13.66
C LEU A 66 2.38 -20.88 -13.53
N HIS A 67 2.31 -21.61 -12.42
CA HIS A 67 3.29 -22.63 -12.11
C HIS A 67 2.77 -23.44 -10.94
N ARG A 68 2.77 -24.77 -11.05
CA ARG A 68 2.42 -25.62 -9.92
C ARG A 68 3.32 -26.85 -10.02
N ASP A 69 4.16 -27.06 -9.03
CA ASP A 69 4.94 -28.29 -8.99
C ASP A 69 5.10 -28.68 -7.52
N ALA A 70 6.06 -29.56 -7.23
CA ALA A 70 6.09 -30.11 -5.88
C ALA A 70 6.56 -29.09 -4.88
N TYR A 71 7.12 -27.97 -5.36
CA TYR A 71 7.81 -27.05 -4.48
C TYR A 71 7.18 -25.67 -4.41
N VAL A 72 6.61 -25.18 -5.50
CA VAL A 72 6.15 -23.80 -5.56
C VAL A 72 4.85 -23.75 -6.38
N ASP A 73 3.93 -22.91 -5.93
CA ASP A 73 2.74 -22.52 -6.70
C ASP A 73 2.84 -21.03 -6.96
N VAL A 74 2.48 -20.63 -8.16
CA VAL A 74 2.39 -19.22 -8.51
C VAL A 74 1.05 -18.98 -9.19
N TRP A 75 0.37 -17.95 -8.72
CA TRP A 75 -0.89 -17.55 -9.31
C TRP A 75 -0.88 -16.07 -9.66
N LEU A 76 -1.64 -15.77 -10.69
CA LEU A 76 -1.97 -14.43 -11.07
C LEU A 76 -3.41 -14.20 -10.65
N LEU A 77 -3.66 -13.14 -9.90
CA LEU A 77 -5.01 -12.87 -9.43
C LEU A 77 -5.52 -11.54 -10.01
N CYS A 78 -6.72 -11.56 -10.55
CA CYS A 78 -7.40 -10.38 -11.07
C CYS A 78 -8.61 -10.11 -10.20
N TRP A 79 -8.68 -8.91 -9.62
CA TRP A 79 -9.63 -8.63 -8.56
C TRP A 79 -10.78 -7.81 -9.08
N ARG A 80 -11.96 -8.12 -8.60
CA ARG A 80 -13.13 -7.28 -8.65
C ARG A 80 -13.35 -6.62 -7.31
N ALA A 81 -14.07 -5.50 -7.31
CA ALA A 81 -14.25 -4.75 -6.08
C ALA A 81 -14.89 -5.62 -5.00
N GLU A 82 -15.71 -6.60 -5.40
CA GLU A 82 -16.39 -7.41 -4.40
C GLU A 82 -15.55 -8.58 -3.86
N ASP A 83 -14.40 -8.87 -4.46
CA ASP A 83 -13.65 -10.07 -4.07
C ASP A 83 -13.14 -9.99 -2.63
N ASP A 84 -13.14 -11.14 -1.98
CA ASP A 84 -12.83 -11.26 -0.56
C ASP A 84 -12.36 -12.67 -0.32
N THR A 85 -11.13 -12.84 0.21
CA THR A 85 -10.70 -14.20 0.46
C THR A 85 -11.39 -14.81 1.66
N GLY A 86 -11.97 -13.99 2.53
CA GLY A 86 -12.25 -14.47 3.87
C GLY A 86 -11.00 -14.68 4.70
N TRP A 87 -11.19 -14.94 6.00
CA TRP A 87 -10.07 -15.19 6.88
C TRP A 87 -9.58 -16.60 6.66
N HIS A 88 -8.28 -16.74 6.46
CA HIS A 88 -7.72 -18.06 6.17
C HIS A 88 -6.26 -18.10 6.58
N ASP A 89 -5.76 -19.32 6.74
CA ASP A 89 -4.34 -19.59 6.82
C ASP A 89 -3.97 -20.49 5.65
N HIS A 90 -2.65 -20.69 5.50
CA HIS A 90 -2.12 -21.44 4.38
C HIS A 90 -1.50 -22.74 4.84
N ASP A 91 -1.96 -23.25 5.99
CA ASP A 91 -1.44 -24.46 6.62
C ASP A 91 0.05 -24.44 6.85
N ILE A 92 0.83 -25.10 6.00
CA ILE A 92 2.28 -25.11 6.18
C ILE A 92 2.99 -24.28 5.13
N SER A 93 2.28 -23.52 4.30
CA SER A 93 2.89 -22.81 3.18
C SER A 93 3.30 -21.41 3.59
N SER A 94 4.54 -21.03 3.27
CA SER A 94 4.87 -19.62 3.28
C SER A 94 4.37 -18.99 1.96
N GLY A 95 4.25 -17.66 1.96
CA GLY A 95 3.73 -17.00 0.77
C GLY A 95 4.24 -15.58 0.61
N ALA A 96 4.00 -15.03 -0.59
CA ALA A 96 4.27 -13.63 -0.87
C ALA A 96 3.27 -13.14 -1.90
N VAL A 97 3.03 -11.83 -1.86
CA VAL A 97 2.09 -11.13 -2.73
C VAL A 97 2.79 -9.90 -3.29
N ARG A 98 2.64 -9.68 -4.59
CA ARG A 98 3.02 -8.43 -5.23
C ARG A 98 1.80 -7.85 -5.94
N VAL A 99 1.47 -6.61 -5.64
CA VAL A 99 0.43 -5.92 -6.40
C VAL A 99 1.05 -5.30 -7.64
N VAL A 100 0.54 -5.71 -8.80
CA VAL A 100 1.02 -5.21 -10.09
C VAL A 100 0.26 -3.94 -10.49
N ALA A 101 -1.06 -3.94 -10.32
CA ALA A 101 -1.89 -2.80 -10.66
C ALA A 101 -2.96 -2.70 -9.60
N GLY A 102 -3.35 -1.46 -9.26
CA GLY A 102 -4.42 -1.24 -8.31
C GLY A 102 -3.95 -1.26 -6.86
N ALA A 103 -4.77 -1.80 -5.96
CA ALA A 103 -4.47 -1.86 -4.54
C ALA A 103 -5.39 -2.86 -3.87
N LEU A 104 -4.89 -3.43 -2.76
CA LEU A 104 -5.60 -4.42 -1.98
C LEU A 104 -5.52 -3.96 -0.53
N LYS A 105 -6.41 -4.48 0.29
CA LYS A 105 -6.28 -4.34 1.73
C LYS A 105 -5.88 -5.70 2.30
N GLU A 106 -4.74 -5.75 3.00
CA GLU A 106 -4.30 -6.94 3.74
C GLU A 106 -4.76 -6.80 5.19
N CYS A 107 -5.50 -7.81 5.68
CA CYS A 107 -6.04 -7.73 7.03
C CYS A 107 -5.54 -8.88 7.88
N ASN A 108 -5.20 -8.58 9.12
CA ASN A 108 -4.77 -9.55 10.11
C ASN A 108 -5.69 -9.49 11.32
N PRO A 109 -6.11 -10.65 11.82
CA PRO A 109 -7.16 -10.71 12.85
C PRO A 109 -6.61 -10.43 14.24
N ARG A 110 -7.37 -9.70 15.02
CA ARG A 110 -7.03 -9.46 16.45
C ARG A 110 -8.17 -10.02 17.29
N ILE A 111 -7.85 -10.63 18.42
CA ILE A 111 -8.87 -11.31 19.24
C ILE A 111 -9.96 -10.33 19.69
N GLY A 112 -9.60 -9.11 20.02
CA GLY A 112 -10.61 -8.14 20.39
C GLY A 112 -11.64 -7.93 19.30
N GLY A 113 -11.26 -8.13 18.04
CA GLY A 113 -12.15 -7.79 16.96
C GLY A 113 -11.77 -6.52 16.22
N GLU A 114 -10.77 -5.75 16.71
CA GLU A 114 -10.31 -4.53 16.04
C GLU A 114 -9.11 -4.97 15.18
N HIS A 115 -9.42 -5.47 13.99
CA HIS A 115 -8.42 -6.15 13.18
C HIS A 115 -7.47 -5.15 12.51
N LEU A 116 -6.25 -5.58 12.25
CA LEU A 116 -5.26 -4.72 11.59
C LEU A 116 -5.46 -4.73 10.08
N GLU A 117 -5.55 -3.54 9.48
CA GLU A 117 -5.79 -3.40 8.04
C GLU A 117 -4.69 -2.55 7.43
N THR A 118 -4.11 -3.05 6.34
CA THR A 118 -3.06 -2.36 5.64
C THR A 118 -3.37 -2.30 4.15
N VAL A 119 -3.24 -1.13 3.55
CA VAL A 119 -3.39 -1.00 2.10
C VAL A 119 -2.05 -1.32 1.45
N VAL A 120 -2.10 -2.21 0.47
CA VAL A 120 -0.92 -2.58 -0.32
C VAL A 120 -1.19 -2.09 -1.73
N SER A 121 -0.35 -1.17 -2.22
CA SER A 121 -0.67 -0.60 -3.51
C SER A 121 0.32 -1.07 -4.57
N GLU A 122 0.06 -0.60 -5.79
CA GLU A 122 0.77 -1.13 -6.97
C GLU A 122 2.26 -0.89 -6.79
N GLY A 123 3.05 -1.90 -7.14
CA GLY A 123 4.48 -1.84 -6.91
C GLY A 123 4.91 -2.43 -5.60
N GLU A 124 3.98 -2.64 -4.65
CA GLU A 124 4.36 -3.08 -3.33
C GLU A 124 4.10 -4.57 -3.17
N SER A 125 4.81 -5.15 -2.21
CA SER A 125 4.81 -6.59 -2.01
C SER A 125 5.02 -6.88 -0.54
N PHE A 126 4.62 -8.08 -0.13
CA PHE A 126 4.89 -8.52 1.22
C PHE A 126 4.90 -10.05 1.21
N SER A 127 5.43 -10.61 2.29
CA SER A 127 5.57 -12.05 2.41
C SER A 127 5.22 -12.44 3.83
N PHE A 128 5.00 -13.74 4.04
CA PHE A 128 4.65 -14.23 5.36
C PHE A 128 5.09 -15.69 5.48
N GLY A 129 5.30 -16.11 6.72
CA GLY A 129 5.61 -17.50 6.99
C GLY A 129 4.35 -18.31 7.21
N PRO A 130 4.51 -19.58 7.60
CA PRO A 130 3.37 -20.51 7.54
C PRO A 130 2.37 -20.31 8.67
N ASP A 131 2.67 -19.50 9.68
CA ASP A 131 1.78 -19.23 10.79
C ASP A 131 0.78 -18.12 10.51
N HIS A 132 0.83 -17.52 9.33
CA HIS A 132 0.06 -16.32 9.02
C HIS A 132 -1.44 -16.56 8.91
N ILE A 133 -2.25 -15.73 9.55
CA ILE A 133 -3.70 -15.68 9.31
C ILE A 133 -4.05 -14.31 8.74
N HIS A 134 -4.77 -14.28 7.62
CA HIS A 134 -5.06 -13.00 6.95
C HIS A 134 -6.31 -13.11 6.09
N ARG A 135 -6.68 -11.97 5.52
CA ARG A 135 -7.82 -11.77 4.67
C ARG A 135 -7.44 -10.67 3.68
N LEU A 136 -7.66 -10.89 2.40
CA LEU A 136 -7.41 -9.88 1.38
C LEU A 136 -8.75 -9.47 0.81
N THR A 137 -8.98 -8.17 0.77
CA THR A 137 -10.26 -7.66 0.28
C THR A 137 -10.12 -6.17 -0.01
N GLY A 138 -11.23 -5.52 -0.35
CA GLY A 138 -11.20 -4.10 -0.60
C GLY A 138 -10.37 -3.73 -1.80
N ALA A 139 -10.31 -4.60 -2.82
CA ALA A 139 -9.47 -4.34 -3.96
C ALA A 139 -10.09 -3.22 -4.82
N VAL A 140 -9.22 -2.41 -5.45
CA VAL A 140 -9.69 -1.53 -6.53
C VAL A 140 -10.17 -2.44 -7.63
N HIS A 141 -11.32 -2.10 -8.20
CA HIS A 141 -11.81 -2.93 -9.28
C HIS A 141 -10.75 -3.02 -10.39
N GLY A 142 -10.50 -4.22 -10.90
CA GLY A 142 -9.47 -4.35 -11.92
C GLY A 142 -8.05 -4.50 -11.41
N SER A 143 -7.86 -4.70 -10.11
CA SER A 143 -6.52 -4.86 -9.58
C SER A 143 -5.92 -6.17 -10.05
N VAL A 144 -4.59 -6.20 -10.12
CA VAL A 144 -3.88 -7.39 -10.56
C VAL A 144 -2.74 -7.66 -9.58
N SER A 145 -2.59 -8.91 -9.14
CA SER A 145 -1.56 -9.28 -8.18
C SER A 145 -0.99 -10.65 -8.52
N ILE A 146 0.24 -10.88 -8.10
CA ILE A 146 0.91 -12.16 -8.27
C ILE A 146 1.14 -12.74 -6.88
N ALA A 147 0.76 -14.00 -6.69
CA ALA A 147 0.98 -14.69 -5.41
C ALA A 147 1.81 -15.95 -5.62
N ALA A 148 2.73 -16.23 -4.71
CA ALA A 148 3.49 -17.46 -4.76
C ALA A 148 3.53 -18.09 -3.37
N TYR A 149 3.55 -19.42 -3.35
CA TYR A 149 3.51 -20.18 -2.11
C TYR A 149 4.52 -21.30 -2.19
N SER A 150 5.19 -21.54 -1.05
CA SER A 150 6.09 -22.67 -0.91
C SER A 150 6.11 -23.13 0.54
N PRO A 151 5.90 -24.42 0.79
CA PRO A 151 5.51 -25.43 -0.21
C PRO A 151 4.16 -25.14 -0.83
N PRO A 152 3.79 -25.89 -1.85
CA PRO A 152 2.57 -25.58 -2.59
C PRO A 152 1.38 -25.47 -1.66
N LEU A 153 0.44 -24.62 -2.07
CA LEU A 153 -0.81 -24.38 -1.37
C LEU A 153 -1.74 -25.54 -1.66
N TRP A 154 -1.46 -26.66 -1.02
CA TRP A 154 -2.35 -27.80 -1.22
C TRP A 154 -3.47 -27.89 -0.20
N ARG A 155 -3.36 -27.20 0.93
CA ARG A 155 -4.42 -27.19 1.93
C ARG A 155 -4.48 -25.79 2.53
N LEU A 156 -5.69 -25.25 2.75
CA LEU A 156 -5.85 -23.96 3.40
C LEU A 156 -6.91 -24.10 4.48
N GLY A 157 -6.74 -23.33 5.59
CA GLY A 157 -7.71 -23.29 6.66
C GLY A 157 -8.56 -22.03 6.55
N GLN A 158 -9.87 -22.22 6.46
CA GLN A 158 -10.83 -21.13 6.30
C GLN A 158 -11.62 -20.98 7.59
N TYR A 159 -11.53 -19.80 8.21
CA TYR A 159 -12.20 -19.59 9.49
C TYR A 159 -13.60 -19.05 9.27
N SER A 160 -14.49 -19.44 10.16
CA SER A 160 -15.86 -18.97 10.10
C SER A 160 -16.31 -18.78 11.53
N ILE A 161 -17.38 -18.02 11.69
CA ILE A 161 -17.96 -17.76 12.99
C ILE A 161 -19.40 -18.21 12.93
N ASP A 162 -19.89 -18.89 13.99
CA ASP A 162 -21.30 -19.26 14.01
C ASP A 162 -22.13 -18.10 14.56
N ASP A 163 -23.46 -18.27 14.60
CA ASP A 163 -24.31 -17.26 15.25
C ASP A 163 -23.87 -16.99 16.68
N SER A 164 -23.43 -18.02 17.39
CA SER A 164 -22.98 -17.86 18.75
C SER A 164 -21.81 -16.88 18.84
N GLY A 165 -21.04 -16.73 17.77
CA GLY A 165 -19.74 -16.11 17.84
C GLY A 165 -18.58 -17.10 17.88
N VAL A 166 -18.86 -18.40 17.88
CA VAL A 166 -17.80 -19.39 18.08
C VAL A 166 -17.05 -19.59 16.77
N MET A 167 -15.73 -19.58 16.87
CA MET A 167 -14.87 -19.69 15.71
C MET A 167 -14.51 -21.14 15.41
N ARG A 168 -14.54 -21.50 14.14
CA ARG A 168 -14.12 -22.81 13.66
C ARG A 168 -13.15 -22.63 12.48
N ARG A 169 -12.40 -23.69 12.17
CA ARG A 169 -11.46 -23.67 11.06
C ARG A 169 -11.73 -24.86 10.17
N VAL A 170 -12.13 -24.61 8.93
CA VAL A 170 -12.35 -25.65 7.94
C VAL A 170 -11.08 -25.82 7.10
N SER A 171 -10.50 -27.02 7.11
CA SER A 171 -9.34 -27.29 6.28
C SER A 171 -9.84 -27.68 4.89
N VAL A 172 -9.36 -26.97 3.87
CA VAL A 172 -9.86 -27.07 2.50
C VAL A 172 -8.73 -27.52 1.58
N SER A 173 -8.97 -28.60 0.83
CA SER A 173 -7.97 -29.03 -0.16
C SER A 173 -7.97 -28.08 -1.35
N TYR A 174 -6.88 -27.33 -1.53
CA TYR A 174 -6.81 -26.36 -2.63
C TYR A 174 -5.45 -26.42 -3.36
N GLU B 22 -15.88 22.44 -2.75
CA GLU B 22 -16.38 21.15 -2.28
C GLU B 22 -15.94 20.00 -3.18
N LEU B 23 -15.59 18.86 -2.58
CA LEU B 23 -15.14 17.72 -3.36
C LEU B 23 -16.11 16.57 -3.14
N ASP B 24 -16.50 15.94 -4.23
CA ASP B 24 -17.38 14.78 -4.26
C ASP B 24 -16.55 13.60 -3.81
N LEU B 25 -16.64 13.26 -2.52
CA LEU B 25 -15.88 12.19 -1.91
C LEU B 25 -16.78 11.40 -0.99
N PRO B 26 -16.46 10.16 -0.71
CA PRO B 26 -17.23 9.44 0.31
C PRO B 26 -17.17 10.18 1.63
N GLU B 27 -18.23 10.06 2.41
CA GLU B 27 -18.34 10.80 3.67
C GLU B 27 -17.72 10.00 4.82
N ARG B 28 -16.40 9.90 4.76
CA ARG B 28 -15.63 9.09 5.70
C ARG B 28 -14.16 9.38 5.47
N ASN B 29 -13.35 8.96 6.44
CA ASN B 29 -11.92 9.02 6.22
C ASN B 29 -11.53 8.17 5.02
N LEU B 30 -10.53 8.66 4.28
CA LEU B 30 -10.06 8.02 3.07
C LEU B 30 -8.77 7.25 3.33
N ASP B 31 -8.58 6.17 2.58
CA ASP B 31 -7.31 5.48 2.73
C ASP B 31 -6.28 6.05 1.75
N ARG B 32 -5.05 5.55 1.84
CA ARG B 32 -3.93 6.15 1.13
C ARG B 32 -4.09 6.04 -0.38
N ARG B 33 -4.74 4.99 -0.87
CA ARG B 33 -5.01 4.83 -2.30
C ARG B 33 -6.01 5.89 -2.79
N GLU B 34 -7.09 6.09 -2.02
CA GLU B 34 -8.09 7.12 -2.34
C GLU B 34 -7.47 8.51 -2.32
N LEU B 35 -6.54 8.75 -1.40
CA LEU B 35 -5.88 10.05 -1.34
C LEU B 35 -4.95 10.25 -2.54
N ARG B 36 -4.27 9.18 -2.95
CA ARG B 36 -3.45 9.25 -4.14
C ARG B 36 -4.29 9.56 -5.38
N ASP B 37 -5.41 8.86 -5.53
CA ASP B 37 -6.36 9.14 -6.63
C ASP B 37 -6.79 10.60 -6.57
N LEU B 38 -7.06 11.09 -5.35
CA LEU B 38 -7.54 12.46 -5.19
C LEU B 38 -6.50 13.48 -5.64
N VAL B 39 -5.25 13.35 -5.17
CA VAL B 39 -4.26 14.36 -5.52
C VAL B 39 -3.96 14.31 -7.03
N ASN B 40 -4.00 13.12 -7.64
CA ASN B 40 -3.75 13.04 -9.08
C ASN B 40 -4.91 13.57 -9.89
N GLU B 41 -6.12 13.33 -9.44
CA GLU B 41 -7.29 13.93 -10.06
C GLU B 41 -7.22 15.44 -9.98
N LEU B 42 -6.90 15.99 -8.80
CA LEU B 42 -6.84 17.44 -8.69
C LEU B 42 -5.73 18.01 -9.59
N ALA B 43 -4.59 17.29 -9.74
CA ALA B 43 -3.49 17.78 -10.58
C ALA B 43 -3.96 17.91 -12.03
N ALA B 44 -4.83 17.02 -12.46
CA ALA B 44 -5.40 17.05 -13.80
C ALA B 44 -6.48 18.08 -14.00
N HIS B 45 -6.82 18.87 -12.98
CA HIS B 45 -7.88 19.87 -13.05
C HIS B 45 -7.29 21.20 -12.61
N PRO B 46 -6.36 21.76 -13.40
CA PRO B 46 -5.69 23.01 -12.99
C PRO B 46 -6.67 24.14 -12.71
N GLU B 47 -7.89 24.11 -13.31
CA GLU B 47 -8.89 25.13 -12.99
C GLU B 47 -9.11 25.25 -11.47
N ARG B 48 -8.80 24.22 -10.66
CA ARG B 48 -9.11 24.35 -9.25
C ARG B 48 -7.95 24.86 -8.43
N TRP B 49 -6.71 24.76 -8.92
CA TRP B 49 -5.59 25.19 -8.10
C TRP B 49 -4.68 26.19 -8.76
N ALA B 50 -4.77 26.40 -10.10
CA ALA B 50 -3.75 27.20 -10.77
C ALA B 50 -3.64 28.61 -10.18
N GLU B 51 -4.78 29.24 -9.91
CA GLU B 51 -4.73 30.58 -9.31
C GLU B 51 -3.89 30.65 -8.02
N HIS B 52 -3.80 29.56 -7.27
CA HIS B 52 -3.21 29.64 -5.93
C HIS B 52 -1.73 29.32 -5.89
N VAL B 53 -1.05 29.21 -7.03
CA VAL B 53 0.40 29.00 -6.97
C VAL B 53 1.05 30.31 -6.52
N MET B 54 1.95 30.23 -5.55
CA MET B 54 2.64 31.41 -5.00
C MET B 54 3.92 31.03 -4.23
N PHE B 55 5.06 31.58 -4.64
CA PHE B 55 6.32 31.38 -3.88
C PHE B 55 6.68 32.68 -3.17
N TYR B 63 1.61 27.14 0.72
CA TYR B 63 0.62 26.42 1.53
C TYR B 63 -0.75 27.04 1.35
N ALA B 64 -1.45 26.72 0.26
CA ALA B 64 -2.88 27.06 0.12
C ALA B 64 -3.78 25.84 0.27
N SER B 65 -4.80 25.97 1.13
CA SER B 65 -5.74 24.89 1.33
C SER B 65 -6.73 24.89 0.17
N LEU B 66 -6.93 23.72 -0.44
CA LEU B 66 -7.89 23.53 -1.51
C LEU B 66 -9.24 23.03 -0.99
N HIS B 67 -9.25 22.20 0.05
CA HIS B 67 -10.50 21.80 0.70
C HIS B 67 -10.09 21.21 2.04
N ARG B 68 -10.84 21.58 3.08
CA ARG B 68 -10.64 21.05 4.41
C ARG B 68 -12.05 20.83 4.97
N ASP B 69 -12.31 19.62 5.45
CA ASP B 69 -13.59 19.27 6.07
C ASP B 69 -13.31 18.23 7.13
N ALA B 70 -14.35 17.53 7.58
CA ALA B 70 -14.12 16.65 8.72
C ALA B 70 -13.22 15.46 8.35
N TYR B 71 -13.09 15.17 7.05
CA TYR B 71 -12.45 13.94 6.60
C TYR B 71 -11.11 14.14 5.93
N VAL B 72 -10.93 15.24 5.16
CA VAL B 72 -9.72 15.46 4.39
C VAL B 72 -9.21 16.89 4.56
N ASP B 73 -7.89 17.04 4.39
CA ASP B 73 -7.21 18.31 4.22
C ASP B 73 -6.46 18.16 2.92
N VAL B 74 -6.63 19.12 2.03
CA VAL B 74 -5.99 19.06 0.73
C VAL B 74 -5.30 20.37 0.57
N TRP B 75 -4.02 20.31 0.21
CA TRP B 75 -3.14 21.48 0.14
C TRP B 75 -2.40 21.53 -1.18
N LEU B 76 -2.20 22.76 -1.66
CA LEU B 76 -1.26 23.06 -2.71
C LEU B 76 0.00 23.62 -2.06
N LEU B 77 1.15 23.07 -2.42
CA LEU B 77 2.42 23.46 -1.81
C LEU B 77 3.38 23.92 -2.88
N CYS B 78 3.99 25.08 -2.70
CA CYS B 78 5.08 25.54 -3.56
C CYS B 78 6.35 25.56 -2.76
N TRP B 79 7.38 24.93 -3.29
CA TRP B 79 8.62 24.64 -2.59
C TRP B 79 9.71 25.56 -3.10
N ARG B 80 10.53 26.03 -2.17
CA ARG B 80 11.82 26.62 -2.46
C ARG B 80 12.86 25.52 -2.19
N ALA B 81 14.05 25.67 -2.75
CA ALA B 81 15.02 24.57 -2.68
C ALA B 81 15.47 24.30 -1.26
N GLU B 82 15.42 25.28 -0.37
CA GLU B 82 15.80 25.09 1.02
C GLU B 82 14.71 24.48 1.90
N ASP B 83 13.48 24.29 1.40
CA ASP B 83 12.42 23.84 2.30
C ASP B 83 12.69 22.42 2.79
N ASP B 84 12.35 22.19 4.06
CA ASP B 84 12.63 20.91 4.74
C ASP B 84 11.58 20.70 5.80
N THR B 85 10.83 19.60 5.72
CA THR B 85 9.83 19.33 6.73
C THR B 85 10.43 18.95 8.06
N GLY B 86 11.66 18.44 8.08
CA GLY B 86 12.15 17.69 9.21
C GLY B 86 11.48 16.32 9.30
N TRP B 87 12.03 15.46 10.14
CA TRP B 87 11.45 14.13 10.34
C TRP B 87 10.16 14.25 11.14
N HIS B 88 9.08 13.64 10.63
CA HIS B 88 7.79 13.74 11.31
C HIS B 88 6.90 12.57 10.95
N ASP B 89 5.89 12.37 11.77
CA ASP B 89 4.78 11.48 11.45
C ASP B 89 3.52 12.32 11.41
N HIS B 90 2.43 11.71 10.97
CA HIS B 90 1.18 12.44 10.83
C HIS B 90 0.15 11.94 11.85
N ASP B 91 0.64 11.39 12.97
CA ASP B 91 -0.18 10.80 14.03
C ASP B 91 -1.09 9.69 13.50
N ILE B 92 -2.36 9.97 13.24
CA ILE B 92 -3.23 8.94 12.69
C ILE B 92 -3.65 9.21 11.25
N SER B 93 -3.06 10.18 10.56
CA SER B 93 -3.53 10.53 9.22
C SER B 93 -2.76 9.74 8.16
N SER B 94 -3.49 9.15 7.22
CA SER B 94 -2.87 8.71 5.98
C SER B 94 -2.65 9.94 5.10
N GLY B 95 -1.83 9.77 4.07
CA GLY B 95 -1.48 10.91 3.24
C GLY B 95 -1.09 10.50 1.83
N ALA B 96 -1.14 11.49 0.93
CA ALA B 96 -0.59 11.31 -0.41
C ALA B 96 -0.06 12.63 -0.95
N VAL B 97 0.89 12.53 -1.89
CA VAL B 97 1.58 13.66 -2.51
C VAL B 97 1.68 13.41 -4.00
N ARG B 98 1.34 14.42 -4.79
CA ARG B 98 1.60 14.42 -6.22
C ARG B 98 2.49 15.63 -6.53
N VAL B 99 3.62 15.38 -7.19
CA VAL B 99 4.48 16.47 -7.64
C VAL B 99 3.94 16.92 -8.98
N VAL B 100 3.55 18.19 -9.05
CA VAL B 100 2.98 18.72 -10.27
C VAL B 100 4.10 19.24 -11.17
N ALA B 101 5.08 19.91 -10.58
CA ALA B 101 6.23 20.45 -11.31
C ALA B 101 7.44 20.44 -10.40
N GLY B 102 8.61 20.17 -10.99
CA GLY B 102 9.84 20.08 -10.23
C GLY B 102 10.09 18.70 -9.68
N ALA B 103 10.67 18.64 -8.48
CA ALA B 103 10.99 17.36 -7.88
C ALA B 103 11.22 17.56 -6.38
N LEU B 104 10.93 16.50 -5.61
CA LEU B 104 11.09 16.43 -4.16
C LEU B 104 11.90 15.20 -3.82
N LYS B 105 12.53 15.25 -2.64
CA LYS B 105 13.15 14.06 -2.06
C LYS B 105 12.31 13.61 -0.87
N GLU B 106 11.83 12.38 -0.94
CA GLU B 106 11.15 11.72 0.17
C GLU B 106 12.14 10.81 0.91
N CYS B 107 12.27 11.00 2.21
CA CYS B 107 13.22 10.22 3.01
C CYS B 107 12.49 9.47 4.12
N ASN B 108 12.88 8.22 4.34
CA ASN B 108 12.33 7.38 5.37
C ASN B 108 13.45 6.95 6.31
N PRO B 109 13.26 7.03 7.61
CA PRO B 109 14.37 6.89 8.57
C PRO B 109 14.73 5.43 8.76
N ARG B 110 16.01 5.16 8.95
CA ARG B 110 16.40 3.78 9.19
C ARG B 110 17.26 3.68 10.44
N ILE B 111 17.06 2.59 11.18
CA ILE B 111 17.95 2.26 12.29
C ILE B 111 19.36 2.07 11.76
N GLY B 112 20.32 2.85 12.28
CA GLY B 112 21.65 2.89 11.72
C GLY B 112 22.08 4.24 11.22
N GLY B 113 21.11 5.06 10.84
CA GLY B 113 21.41 6.39 10.38
C GLY B 113 21.57 6.52 8.88
N GLU B 114 21.47 5.41 8.15
CA GLU B 114 21.57 5.38 6.68
C GLU B 114 20.15 5.41 6.09
N HIS B 115 19.56 6.59 6.10
CA HIS B 115 18.14 6.73 5.74
C HIS B 115 17.91 6.44 4.26
N LEU B 116 16.72 5.97 3.95
CA LEU B 116 16.37 5.72 2.56
C LEU B 116 15.84 7.01 1.91
N GLU B 117 16.38 7.37 0.73
CA GLU B 117 16.03 8.61 0.02
C GLU B 117 15.59 8.28 -1.39
N THR B 118 14.48 8.92 -1.79
CA THR B 118 13.86 8.70 -3.09
C THR B 118 13.49 10.05 -3.71
N VAL B 119 13.92 10.27 -4.95
CA VAL B 119 13.51 11.47 -5.69
C VAL B 119 12.15 11.23 -6.31
N VAL B 120 11.22 12.13 -6.08
CA VAL B 120 9.88 12.04 -6.66
C VAL B 120 9.75 13.18 -7.64
N SER B 121 9.66 12.86 -8.94
CA SER B 121 9.71 13.87 -9.98
C SER B 121 8.31 14.26 -10.43
N GLU B 122 8.25 15.35 -11.18
CA GLU B 122 6.98 15.87 -11.67
C GLU B 122 6.24 14.78 -12.43
N GLY B 123 4.94 14.66 -12.19
CA GLY B 123 4.14 13.58 -12.74
C GLY B 123 3.98 12.42 -11.79
N GLU B 124 4.85 12.33 -10.79
CA GLU B 124 4.88 11.15 -9.93
C GLU B 124 4.15 11.46 -8.62
N SER B 125 3.61 10.43 -7.99
CA SER B 125 2.86 10.57 -6.76
C SER B 125 3.15 9.35 -5.89
N PHE B 126 2.90 9.50 -4.59
CA PHE B 126 3.02 8.36 -3.68
C PHE B 126 2.09 8.63 -2.51
N SER B 127 1.82 7.59 -1.74
CA SER B 127 0.90 7.69 -0.62
C SER B 127 1.45 6.84 0.51
N PHE B 128 0.87 7.02 1.70
CA PHE B 128 1.31 6.25 2.84
C PHE B 128 0.18 6.18 3.86
N GLY B 129 0.20 5.09 4.64
CA GLY B 129 -0.70 4.88 5.75
C GLY B 129 -0.30 5.66 6.97
N PRO B 130 -1.09 5.48 8.04
CA PRO B 130 -0.93 6.38 9.19
C PRO B 130 0.28 6.08 10.04
N ASP B 131 1.04 5.03 9.76
CA ASP B 131 2.23 4.76 10.55
C ASP B 131 3.49 5.38 9.96
N HIS B 132 3.36 6.19 8.93
CA HIS B 132 4.52 6.66 8.18
C HIS B 132 5.34 7.70 8.96
N ILE B 133 6.66 7.55 8.92
CA ILE B 133 7.62 8.57 9.37
C ILE B 133 8.46 8.97 8.16
N HIS B 134 8.55 10.26 7.88
CA HIS B 134 9.31 10.65 6.69
C HIS B 134 9.83 12.05 6.84
N ARG B 135 10.57 12.48 5.82
CA ARG B 135 11.08 13.82 5.73
C ARG B 135 11.05 14.17 4.25
N LEU B 136 10.50 15.33 3.93
CA LEU B 136 10.42 15.85 2.57
C LEU B 136 11.22 17.12 2.40
N THR B 137 11.98 17.17 1.33
CA THR B 137 12.92 18.27 1.12
C THR B 137 12.76 18.73 -0.31
N GLY B 138 12.92 20.02 -0.54
CA GLY B 138 12.80 20.52 -1.89
C GLY B 138 14.02 20.06 -2.65
N ALA B 139 13.80 19.57 -3.85
CA ALA B 139 14.92 19.06 -4.63
C ALA B 139 15.17 19.96 -5.84
N VAL B 140 14.17 20.75 -6.26
CA VAL B 140 14.42 21.82 -7.23
C VAL B 140 13.60 23.05 -6.90
N HIS B 141 14.25 24.21 -7.04
CA HIS B 141 13.61 25.47 -6.71
C HIS B 141 12.33 25.64 -7.51
N GLY B 142 11.27 26.10 -6.84
CA GLY B 142 10.01 26.32 -7.55
C GLY B 142 9.16 25.09 -7.82
N SER B 143 9.38 23.97 -7.12
CA SER B 143 8.50 22.82 -7.28
C SER B 143 7.08 23.12 -6.75
N VAL B 144 6.09 22.45 -7.32
CA VAL B 144 4.69 22.63 -6.96
C VAL B 144 4.12 21.22 -6.74
N SER B 145 3.43 21.03 -5.61
CA SER B 145 2.90 19.72 -5.31
C SER B 145 1.53 19.87 -4.66
N ILE B 146 0.74 18.80 -4.72
CA ILE B 146 -0.57 18.73 -4.10
C ILE B 146 -0.53 17.62 -3.04
N ALA B 147 -0.93 17.92 -1.82
CA ALA B 147 -0.96 16.90 -0.80
C ALA B 147 -2.35 16.82 -0.19
N ALA B 148 -2.70 15.60 0.25
CA ALA B 148 -3.97 15.33 0.91
C ALA B 148 -3.74 14.39 2.10
N TYR B 149 -4.49 14.61 3.17
CA TYR B 149 -4.42 13.87 4.42
C TYR B 149 -5.82 13.49 4.83
N SER B 150 -5.93 12.29 5.40
CA SER B 150 -7.20 11.87 5.98
C SER B 150 -6.93 10.86 7.08
N PRO B 151 -7.50 11.05 8.28
CA PRO B 151 -8.26 12.23 8.71
C PRO B 151 -7.41 13.49 8.66
N PRO B 152 -8.03 14.65 8.87
CA PRO B 152 -7.31 15.93 8.76
C PRO B 152 -6.14 15.92 9.73
N LEU B 153 -5.15 16.75 9.43
CA LEU B 153 -3.87 16.83 10.17
C LEU B 153 -4.05 17.69 11.42
N TRP B 154 -4.60 17.11 12.49
CA TRP B 154 -4.72 17.90 13.73
C TRP B 154 -3.44 17.92 14.55
N ARG B 155 -2.67 16.86 14.51
CA ARG B 155 -1.41 16.71 15.22
C ARG B 155 -0.36 16.03 14.36
N LEU B 156 0.87 16.47 14.54
CA LEU B 156 2.05 15.96 13.84
C LEU B 156 3.06 15.70 14.94
N GLY B 157 3.83 14.62 14.80
CA GLY B 157 4.92 14.35 15.70
C GLY B 157 6.21 14.74 14.99
N GLN B 158 6.99 15.63 15.61
CA GLN B 158 8.23 16.07 15.01
C GLN B 158 9.34 15.52 15.86
N TYR B 159 10.25 14.82 15.21
CA TYR B 159 11.29 14.06 15.88
C TYR B 159 12.54 14.91 15.99
N SER B 160 13.29 14.65 17.04
CA SER B 160 14.49 15.43 17.27
C SER B 160 15.48 14.53 17.95
N ILE B 161 16.71 14.98 17.96
CA ILE B 161 17.80 14.31 18.68
C ILE B 161 18.30 15.38 19.61
N ASP B 162 18.40 15.03 20.89
CA ASP B 162 19.14 15.84 21.84
C ASP B 162 20.64 15.63 21.74
N ASP B 163 21.34 16.44 22.52
CA ASP B 163 22.77 16.29 22.69
C ASP B 163 23.29 14.97 23.23
N SER B 164 22.44 14.15 23.85
CA SER B 164 22.75 12.75 24.06
C SER B 164 22.87 11.94 22.76
N GLY B 165 21.99 12.23 21.81
CA GLY B 165 21.84 11.45 20.60
C GLY B 165 20.53 10.69 20.71
N VAL B 166 19.80 10.94 21.80
CA VAL B 166 18.56 10.25 22.14
C VAL B 166 17.41 10.90 21.39
N MET B 167 16.59 10.07 20.76
CA MET B 167 15.49 10.58 19.95
C MET B 167 14.30 10.91 20.83
N ARG B 168 13.65 12.01 20.49
CA ARG B 168 12.41 12.45 21.13
C ARG B 168 11.36 12.79 20.05
N ARG B 169 10.10 12.78 20.47
CA ARG B 169 8.97 13.15 19.60
C ARG B 169 8.11 14.21 20.26
N VAL B 170 8.12 15.40 19.68
CA VAL B 170 7.30 16.53 20.13
C VAL B 170 6.00 16.51 19.32
N SER B 171 4.86 16.38 20.03
CA SER B 171 3.56 16.39 19.39
C SER B 171 3.11 17.84 19.24
N VAL B 172 2.90 18.29 18.00
CA VAL B 172 2.59 19.70 17.68
C VAL B 172 1.15 19.84 17.17
MN MN C . -3.79 -16.02 1.66
C1 PGE D . -9.95 -15.88 12.62
O1 PGE D . -10.83 -14.76 12.49
C2 PGE D . -9.58 -16.10 14.04
O2 PGE D . -8.45 -16.96 14.14
C3 PGE D . -8.68 -18.23 14.76
C4 PGE D . -9.17 -18.11 16.18
O4 PGE D . -7.40 -17.87 19.50
C6 PGE D . -8.49 -18.76 19.51
C5 PGE D . -8.78 -19.37 18.17
O3 PGE D . -8.22 -18.57 17.13
H1 PGE D . -10.43 -16.77 12.22
H12 PGE D . -9.05 -15.71 12.02
HO1 PGE D . -10.47 -14.18 11.77
H2 PGE D . -9.38 -15.13 14.51
H22 PGE D . -10.44 -16.52 14.57
H3 PGE D . -9.41 -18.78 14.17
H32 PGE D . -7.76 -18.81 14.75
H4 PGE D . -9.42 -17.07 16.38
H42 PGE D . -10.10 -18.66 16.27
HO4 PGE D . -7.56 -17.24 18.75
H6 PGE D . -9.32 -18.19 19.91
H62 PGE D . -8.23 -19.51 20.27
H5 PGE D . -9.85 -19.46 18.01
H52 PGE D . -8.38 -20.38 18.10
C ACT E . -2.00 -15.05 -0.29
O ACT E . -2.17 -15.73 0.68
OXT ACT E . -3.01 -14.27 -0.74
CH3 ACT E . -0.77 -14.97 -1.14
H1 ACT E . -0.23 -15.92 -1.14
H2 ACT E . -0.09 -14.21 -0.76
H3 ACT E . -1.00 -14.72 -2.16
C ACT F . -5.23 -17.53 -0.75
O ACT F . -4.31 -17.56 0.14
OXT ACT F . -6.19 -16.59 -0.72
CH3 ACT F . -5.48 -18.40 -1.93
H1 ACT F . -6.45 -18.91 -1.84
H2 ACT F . -4.71 -19.17 -2.02
H3 ACT F . -5.49 -17.83 -2.85
MN MN G . 4.53 14.58 5.95
C ACT H . 2.99 14.82 3.42
O ACT H . 3.06 14.43 4.53
OXT ACT H . 3.95 15.61 2.96
CH3 ACT H . 1.87 14.57 2.44
H1 ACT H . 2.09 13.70 1.80
H2 ACT H . 1.72 15.42 1.78
H3 ACT H . 0.92 14.37 2.95
C ACT I . 3.32 17.23 6.70
O ACT I . 3.43 16.01 6.56
OXT ACT I . 4.30 18.10 6.31
CH3 ACT I . 2.22 18.03 7.25
H1 ACT I . 1.90 17.63 8.22
H2 ACT I . 1.36 18.01 6.59
H3 ACT I . 2.51 19.06 7.39
C ACT J . 2.23 4.40 -3.52
O ACT J . 2.95 5.02 -2.73
OXT ACT J . 0.95 4.83 -3.70
CH3 ACT J . 2.52 3.16 -4.33
H1 ACT J . 3.37 2.61 -3.92
H2 ACT J . 2.76 3.42 -5.36
H3 ACT J . 1.67 2.49 -4.36
C1 EDO K . -13.43 3.41 -3.57
O1 EDO K . -13.01 4.75 -3.80
C2 EDO K . -13.69 2.70 -4.95
O2 EDO K . -14.75 1.76 -4.69
H11 EDO K . -14.34 3.38 -2.97
H12 EDO K . -12.66 2.85 -3.02
HO1 EDO K . -12.34 4.99 -3.10
H21 EDO K . -12.85 2.13 -5.34
H22 EDO K . -14.03 3.36 -5.75
HO2 EDO K . -14.95 1.80 -3.72
C1 EDO L . -0.04 23.37 11.78
O1 EDO L . 0.04 21.94 11.86
C2 EDO L . 1.17 24.00 12.49
O2 EDO L . 0.53 24.88 13.40
H11 EDO L . -0.96 23.72 12.25
H12 EDO L . -0.06 23.70 10.75
HO1 EDO L . -0.55 21.57 11.15
H21 EDO L . 1.83 24.58 11.85
H22 EDO L . 1.79 23.31 13.06
HO2 EDO L . -0.45 24.74 13.31
MG MG M . -15.95 18.26 1.84
#